data_8FU4
#
_entry.id   8FU4
#
_cell.length_a   59.874
_cell.length_b   79.270
_cell.length_c   110.664
_cell.angle_alpha   90.00
_cell.angle_beta   90.00
_cell.angle_gamma   90.00
#
_symmetry.space_group_name_H-M   'P 21 21 21'
#
loop_
_entity.id
_entity.type
_entity.pdbx_description
1 polymer 'HLA-A*02:01 alpha chain'
2 polymer Beta-2-microglobulin
3 polymer 'TLF: TLFDEPPPL'
4 non-polymer GLYCEROL
5 non-polymer 'CADMIUM ION'
6 non-polymer 'TRIETHYLENE GLYCOL'
7 water water
#
loop_
_entity_poly.entity_id
_entity_poly.type
_entity_poly.pdbx_seq_one_letter_code
_entity_poly.pdbx_strand_id
1 'polypeptide(L)'
;GSHSMRYFFTSVSRPGRGEPRFIAVGYVDDTQFVRFDSDAASQRMEPRAPWIEQEGPEYWDGETRKVKAHSQTHRVDLGT
LRGYYNQSEAGSHTVQRMYGCDVGSDWRFLRGYHQYAYDGKDYIALKEDLRSWTAADMAAQTTKHKWEAAHVAEQLRAYL
EGTCVEWLRRYLENGKETLQRTDAPKTHMTHHAVSDHEATLRCWALSFYPAEITLTWQRDGEDQTQDTELVETRPAGDGT
FQKWAAVVVPSGQEQRYTCHVQHEGLPKPLTLRWE
;
A
2 'polypeptide(L)'
;MIQRTPKIQVYSRHPAENGKSNFLNCYVSGFHPSDIEVDLLKNGERIEKVEHSDLSFSKDWSFYLLYYTEFTPTEKDEYA
CRVNHVTLSQPKIVKWDRDM
;
B
3 'polypeptide(L)' TLFDEPPPL C
#
# COMPACT_ATOMS: atom_id res chain seq x y z
N GLY A 1 14.31 -15.00 -5.40
CA GLY A 1 14.42 -14.33 -4.12
C GLY A 1 13.34 -14.76 -3.16
N SER A 2 13.17 -13.98 -2.09
CA SER A 2 12.17 -14.25 -1.06
C SER A 2 10.79 -13.79 -1.54
N HIS A 3 9.75 -14.33 -0.88
CA HIS A 3 8.38 -14.00 -1.26
C HIS A 3 7.50 -13.94 -0.02
N SER A 4 6.34 -13.29 -0.18
CA SER A 4 5.40 -13.13 0.92
C SER A 4 3.97 -13.27 0.42
N MET A 5 3.10 -13.74 1.31
CA MET A 5 1.66 -13.62 1.12
C MET A 5 1.11 -12.84 2.30
N ARG A 6 0.34 -11.78 2.02
CA ARG A 6 -0.18 -10.94 3.10
C ARG A 6 -1.63 -10.58 2.84
N TYR A 7 -2.43 -10.56 3.92
CA TYR A 7 -3.80 -10.10 3.85
C TYR A 7 -3.97 -8.88 4.74
N PHE A 8 -4.68 -7.88 4.22
CA PHE A 8 -4.93 -6.61 4.92
C PHE A 8 -6.43 -6.43 5.07
N PHE A 9 -6.87 -6.02 6.26
CA PHE A 9 -8.29 -5.84 6.54
C PHE A 9 -8.52 -4.51 7.25
N THR A 10 -9.54 -3.77 6.84
CA THR A 10 -9.92 -2.52 7.50
C THR A 10 -11.42 -2.54 7.73
N SER A 11 -11.86 -2.23 8.95
CA SER A 11 -13.28 -2.01 9.20
C SER A 11 -13.47 -0.65 9.85
N VAL A 12 -14.45 0.11 9.36
CA VAL A 12 -14.72 1.45 9.85
C VAL A 12 -16.17 1.53 10.26
N SER A 13 -16.44 1.84 11.54
CA SER A 13 -17.82 1.86 12.01
C SER A 13 -18.57 3.08 11.49
N ARG A 14 -19.88 2.93 11.38
CA ARG A 14 -20.77 3.91 10.76
C ARG A 14 -21.91 4.15 11.73
N PRO A 15 -21.68 4.99 12.74
CA PRO A 15 -22.64 5.09 13.84
C PRO A 15 -24.02 5.61 13.44
N GLY A 16 -24.10 6.43 12.39
CA GLY A 16 -25.39 6.99 12.02
C GLY A 16 -26.38 5.97 11.52
N ARG A 17 -25.89 4.92 10.84
CA ARG A 17 -26.78 3.91 10.28
C ARG A 17 -25.98 2.74 9.72
N GLY A 18 -26.39 1.52 10.04
CA GLY A 18 -25.87 0.35 9.36
C GLY A 18 -24.56 -0.19 9.92
N GLU A 19 -23.97 -1.10 9.13
CA GLU A 19 -22.79 -1.88 9.51
C GLU A 19 -21.50 -1.19 9.10
N PRO A 20 -20.37 -1.60 9.68
CA PRO A 20 -19.09 -1.01 9.28
C PRO A 20 -18.78 -1.24 7.80
N ARG A 21 -18.06 -0.29 7.21
CA ARG A 21 -17.42 -0.51 5.92
C ARG A 21 -16.26 -1.47 6.14
N PHE A 22 -16.18 -2.53 5.33
CA PHE A 22 -15.14 -3.53 5.49
C PHE A 22 -14.46 -3.75 4.15
N ILE A 23 -13.12 -3.63 4.13
CA ILE A 23 -12.34 -3.82 2.92
C ILE A 23 -11.20 -4.77 3.21
N ALA A 24 -11.08 -5.83 2.42
CA ALA A 24 -10.00 -6.81 2.58
C ALA A 24 -9.24 -6.93 1.26
N VAL A 25 -7.91 -7.02 1.35
CA VAL A 25 -7.09 -7.20 0.16
CA VAL A 25 -7.05 -7.16 0.18
C VAL A 25 -6.04 -8.25 0.45
N GLY A 26 -5.77 -9.10 -0.55
CA GLY A 26 -4.72 -10.10 -0.46
C GLY A 26 -3.62 -9.80 -1.46
N TYR A 27 -2.37 -9.98 -1.02
CA TYR A 27 -1.20 -9.74 -1.87
C TYR A 27 -0.29 -10.95 -1.88
N VAL A 28 0.33 -11.20 -3.04
CA VAL A 28 1.55 -11.99 -3.08
C VAL A 28 2.64 -11.02 -3.50
N ASP A 29 3.67 -10.89 -2.66
CA ASP A 29 4.71 -9.86 -2.83
C ASP A 29 3.97 -8.52 -3.02
N ASP A 30 4.24 -7.76 -4.08
CA ASP A 30 3.59 -6.47 -4.29
C ASP A 30 2.46 -6.55 -5.31
N THR A 31 1.85 -7.73 -5.45
CA THR A 31 0.77 -7.94 -6.42
C THR A 31 -0.52 -8.21 -5.68
N GLN A 32 -1.49 -7.32 -5.81
CA GLN A 32 -2.82 -7.63 -5.29
C GLN A 32 -3.43 -8.76 -6.09
N PHE A 33 -4.03 -9.74 -5.42
CA PHE A 33 -4.66 -10.82 -6.17
C PHE A 33 -6.11 -11.10 -5.80
N VAL A 34 -6.60 -10.65 -4.65
CA VAL A 34 -8.01 -10.78 -4.29
C VAL A 34 -8.45 -9.53 -3.55
N ARG A 35 -9.76 -9.35 -3.54
CA ARG A 35 -10.33 -8.25 -2.75
C ARG A 35 -11.77 -8.54 -2.34
N PHE A 36 -12.16 -7.97 -1.22
CA PHE A 36 -13.55 -7.95 -0.83
C PHE A 36 -13.86 -6.54 -0.36
N ASP A 37 -14.96 -5.96 -0.84
CA ASP A 37 -15.42 -4.66 -0.39
C ASP A 37 -16.88 -4.79 -0.01
N SER A 38 -17.19 -4.53 1.26
CA SER A 38 -18.56 -4.66 1.71
C SER A 38 -19.53 -3.76 0.93
N ASP A 39 -19.04 -2.68 0.33
CA ASP A 39 -19.90 -1.78 -0.44
C ASP A 39 -20.11 -2.24 -1.88
N ALA A 40 -19.35 -3.25 -2.34
CA ALA A 40 -19.46 -3.73 -3.70
C ALA A 40 -20.67 -4.65 -3.85
N ALA A 41 -21.06 -4.87 -5.10
CA ALA A 41 -22.32 -5.57 -5.35
C ALA A 41 -22.21 -7.09 -5.20
N SER A 42 -21.05 -7.68 -5.50
CA SER A 42 -20.97 -9.14 -5.57
C SER A 42 -21.15 -9.79 -4.20
N GLN A 43 -20.68 -9.13 -3.14
CA GLN A 43 -20.60 -9.74 -1.81
C GLN A 43 -19.81 -11.05 -1.86
N ARG A 44 -18.82 -11.10 -2.75
CA ARG A 44 -17.93 -12.26 -2.86
C ARG A 44 -16.49 -11.78 -2.85
N MET A 45 -15.59 -12.66 -2.42
CA MET A 45 -14.19 -12.44 -2.71
C MET A 45 -14.02 -12.45 -4.22
N GLU A 46 -13.28 -11.46 -4.73
CA GLU A 46 -13.13 -11.29 -6.17
C GLU A 46 -11.68 -11.40 -6.59
N PRO A 47 -11.42 -11.96 -7.77
CA PRO A 47 -10.04 -12.01 -8.28
C PRO A 47 -9.56 -10.65 -8.76
N ARG A 48 -8.24 -10.43 -8.61
CA ARG A 48 -7.60 -9.22 -9.10
C ARG A 48 -6.30 -9.53 -9.84
N ALA A 49 -5.99 -10.81 -10.05
CA ALA A 49 -4.88 -11.22 -10.88
C ALA A 49 -5.30 -12.37 -11.77
N PRO A 50 -4.75 -12.46 -12.98
CA PRO A 50 -5.19 -13.55 -13.87
C PRO A 50 -4.92 -14.93 -13.32
N TRP A 51 -3.80 -15.12 -12.62
CA TRP A 51 -3.42 -16.45 -12.18
C TRP A 51 -4.29 -17.00 -11.05
N ILE A 52 -5.08 -16.16 -10.38
CA ILE A 52 -5.99 -16.68 -9.37
C ILE A 52 -7.34 -17.06 -9.97
N GLU A 53 -7.67 -16.55 -11.15
CA GLU A 53 -8.99 -16.83 -11.73
C GLU A 53 -9.19 -18.31 -12.02
N GLN A 54 -8.11 -19.06 -12.21
CA GLN A 54 -8.21 -20.49 -12.50
C GLN A 54 -8.64 -21.31 -11.30
N GLU A 55 -8.63 -20.76 -10.08
CA GLU A 55 -9.14 -21.50 -8.94
C GLU A 55 -10.62 -21.78 -9.12
N GLY A 56 -11.06 -22.95 -8.65
CA GLY A 56 -12.40 -23.42 -8.89
C GLY A 56 -13.42 -22.83 -7.93
N PRO A 57 -14.68 -23.23 -8.12
CA PRO A 57 -15.74 -22.64 -7.29
C PRO A 57 -15.61 -22.95 -5.82
N GLU A 58 -15.05 -24.11 -5.45
CA GLU A 58 -14.82 -24.40 -4.04
C GLU A 58 -13.92 -23.36 -3.41
N TYR A 59 -12.90 -22.91 -4.14
CA TYR A 59 -12.02 -21.87 -3.63
C TYR A 59 -12.77 -20.57 -3.38
N TRP A 60 -13.51 -20.10 -4.39
CA TRP A 60 -14.18 -18.81 -4.25
C TRP A 60 -15.29 -18.86 -3.21
N ASP A 61 -16.00 -20.00 -3.11
CA ASP A 61 -16.99 -20.13 -2.06
C ASP A 61 -16.33 -20.08 -0.67
N GLY A 62 -15.19 -20.76 -0.52
CA GLY A 62 -14.53 -20.80 0.78
C GLY A 62 -13.91 -19.47 1.15
N GLU A 63 -13.26 -18.80 0.19
CA GLU A 63 -12.68 -17.49 0.50
C GLU A 63 -13.78 -16.48 0.80
N THR A 64 -14.93 -16.58 0.13
CA THR A 64 -16.02 -15.69 0.46
C THR A 64 -16.54 -15.95 1.86
N ARG A 65 -16.74 -17.21 2.22
CA ARG A 65 -17.19 -17.54 3.57
C ARG A 65 -16.23 -16.98 4.61
N LYS A 66 -14.94 -17.20 4.40
CA LYS A 66 -13.96 -16.78 5.39
C LYS A 66 -13.84 -15.28 5.47
N VAL A 67 -13.89 -14.58 4.33
CA VAL A 67 -13.72 -13.13 4.40
C VAL A 67 -14.94 -12.48 5.05
N LYS A 68 -16.15 -13.03 4.82
CA LYS A 68 -17.31 -12.53 5.53
C LYS A 68 -17.21 -12.80 7.03
N ALA A 69 -16.66 -13.96 7.40
CA ALA A 69 -16.40 -14.24 8.81
C ALA A 69 -15.43 -13.22 9.41
N HIS A 70 -14.36 -12.87 8.67
CA HIS A 70 -13.47 -11.81 9.14
C HIS A 70 -14.23 -10.51 9.37
N SER A 71 -15.13 -10.15 8.44
CA SER A 71 -15.84 -8.89 8.60
CA SER A 71 -15.87 -8.90 8.58
C SER A 71 -16.72 -8.90 9.84
N GLN A 72 -17.36 -10.03 10.15
CA GLN A 72 -18.19 -10.08 11.34
C GLN A 72 -17.34 -10.02 12.60
N THR A 73 -16.17 -10.68 12.59
CA THR A 73 -15.26 -10.56 13.72
C THR A 73 -14.88 -9.11 13.97
N HIS A 74 -14.55 -8.37 12.90
CA HIS A 74 -14.23 -6.96 13.09
C HIS A 74 -15.42 -6.16 13.61
N ARG A 75 -16.62 -6.47 13.12
CA ARG A 75 -17.81 -5.77 13.59
C ARG A 75 -17.96 -5.93 15.10
N VAL A 76 -17.85 -7.18 15.57
CA VAL A 76 -17.93 -7.46 17.00
C VAL A 76 -16.81 -6.73 17.74
N ASP A 77 -15.60 -6.77 17.18
CA ASP A 77 -14.47 -6.12 17.84
C ASP A 77 -14.69 -4.64 18.05
N LEU A 78 -15.25 -3.95 17.05
CA LEU A 78 -15.50 -2.52 17.19
C LEU A 78 -16.42 -2.26 18.39
N GLY A 79 -17.42 -3.12 18.58
CA GLY A 79 -18.27 -2.98 19.75
C GLY A 79 -17.53 -3.24 21.04
N THR A 80 -16.76 -4.33 21.08
CA THR A 80 -15.97 -4.68 22.26
C THR A 80 -15.03 -3.55 22.65
N LEU A 81 -14.33 -2.98 21.66
CA LEU A 81 -13.34 -1.95 21.94
C LEU A 81 -13.99 -0.65 22.39
N ARG A 82 -15.14 -0.30 21.81
CA ARG A 82 -15.87 0.88 22.27
C ARG A 82 -16.16 0.76 23.75
N GLY A 83 -16.47 -0.45 24.21
CA GLY A 83 -16.74 -0.66 25.63
C GLY A 83 -15.48 -0.66 26.47
N TYR A 84 -14.42 -1.34 25.99
CA TYR A 84 -13.15 -1.33 26.71
C TYR A 84 -12.65 0.09 26.97
N TYR A 85 -12.76 0.96 25.98
CA TYR A 85 -12.25 2.31 26.07
C TYR A 85 -13.30 3.32 26.49
N ASN A 86 -14.48 2.85 26.92
CA ASN A 86 -15.56 3.70 27.43
C ASN A 86 -15.89 4.82 26.46
N GLN A 87 -16.08 4.47 25.19
CA GLN A 87 -16.31 5.45 24.15
C GLN A 87 -17.78 5.52 23.77
N SER A 88 -18.17 6.68 23.25
CA SER A 88 -19.55 6.93 22.91
C SER A 88 -19.96 6.14 21.66
N GLU A 89 -21.24 5.82 21.57
CA GLU A 89 -21.73 5.13 20.38
C GLU A 89 -21.80 6.03 19.16
N ALA A 90 -21.51 7.32 19.29
CA ALA A 90 -21.75 8.27 18.21
C ALA A 90 -20.54 8.51 17.32
N GLY A 91 -19.36 8.03 17.68
CA GLY A 91 -18.17 8.26 16.89
C GLY A 91 -17.85 7.09 15.98
N SER A 92 -17.16 7.39 14.90
CA SER A 92 -16.63 6.36 14.00
C SER A 92 -15.25 5.93 14.47
N HIS A 93 -15.00 4.63 14.45
CA HIS A 93 -13.72 4.06 14.84
C HIS A 93 -13.29 3.03 13.82
N THR A 94 -12.01 2.66 13.90
CA THR A 94 -11.37 1.84 12.88
C THR A 94 -10.62 0.67 13.52
N VAL A 95 -10.75 -0.52 12.95
CA VAL A 95 -9.85 -1.63 13.27
C VAL A 95 -9.13 -2.02 12.00
N GLN A 96 -7.86 -2.40 12.15
CA GLN A 96 -7.02 -2.85 11.04
C GLN A 96 -6.31 -4.13 11.44
N ARG A 97 -6.18 -5.06 10.49
CA ARG A 97 -5.53 -6.32 10.75
C ARG A 97 -4.68 -6.66 9.54
N MET A 98 -3.47 -7.15 9.80
CA MET A 98 -2.63 -7.64 8.71
C MET A 98 -1.98 -8.93 9.18
N TYR A 99 -2.02 -9.96 8.35
CA TYR A 99 -1.26 -11.16 8.67
C TYR A 99 -0.68 -11.77 7.41
N GLY A 100 0.33 -12.60 7.59
CA GLY A 100 0.89 -13.28 6.43
C GLY A 100 2.18 -13.99 6.78
N CYS A 101 2.81 -14.51 5.72
CA CYS A 101 3.97 -15.36 5.88
C CYS A 101 5.01 -14.98 4.82
N ASP A 102 6.27 -15.14 5.17
CA ASP A 102 7.38 -14.98 4.24
C ASP A 102 8.06 -16.32 4.03
N VAL A 103 8.56 -16.55 2.82
CA VAL A 103 9.42 -17.68 2.50
C VAL A 103 10.71 -17.16 1.89
N GLY A 104 11.78 -17.92 2.07
CA GLY A 104 13.07 -17.58 1.49
C GLY A 104 13.18 -18.00 0.03
N SER A 105 14.39 -17.83 -0.51
CA SER A 105 14.64 -18.19 -1.90
C SER A 105 14.42 -19.68 -2.17
N ASP A 106 14.55 -20.52 -1.14
CA ASP A 106 14.23 -21.94 -1.27
C ASP A 106 12.75 -22.24 -1.07
N TRP A 107 11.92 -21.20 -0.91
CA TRP A 107 10.47 -21.29 -0.69
C TRP A 107 10.12 -22.01 0.62
N ARG A 108 11.03 -22.05 1.57
CA ARG A 108 10.74 -22.60 2.88
C ARG A 108 10.36 -21.47 3.83
N PHE A 109 9.52 -21.81 4.82
CA PHE A 109 9.05 -20.84 5.79
C PHE A 109 10.19 -20.04 6.41
N LEU A 110 10.03 -18.71 6.40
CA LEU A 110 10.98 -17.78 6.97
C LEU A 110 10.42 -17.08 8.20
N ARG A 111 9.21 -16.54 8.11
CA ARG A 111 8.62 -15.88 9.26
C ARG A 111 7.12 -15.72 9.03
N GLY A 112 6.41 -15.49 10.13
CA GLY A 112 4.99 -15.22 10.06
C GLY A 112 4.63 -14.06 10.98
N TYR A 113 3.46 -13.47 10.73
CA TYR A 113 3.09 -12.31 11.52
C TYR A 113 1.57 -12.12 11.48
N HIS A 114 1.09 -11.40 12.49
CA HIS A 114 -0.33 -11.08 12.65
C HIS A 114 -0.38 -9.86 13.56
N GLN A 115 -0.85 -8.74 13.02
CA GLN A 115 -0.87 -7.48 13.76
C GLN A 115 -2.27 -6.90 13.72
N TYR A 116 -2.68 -6.26 14.81
CA TYR A 116 -4.00 -5.69 14.92
C TYR A 116 -3.90 -4.28 15.52
N ALA A 117 -4.69 -3.35 14.97
CA ALA A 117 -4.68 -1.97 15.42
C ALA A 117 -6.08 -1.45 15.65
N TYR A 118 -6.22 -0.57 16.65
CA TYR A 118 -7.45 0.16 16.90
C TYR A 118 -7.17 1.64 16.76
N ASP A 119 -7.98 2.31 15.94
CA ASP A 119 -7.87 3.75 15.69
C ASP A 119 -6.45 4.15 15.33
N GLY A 120 -5.78 3.30 14.56
CA GLY A 120 -4.51 3.65 13.98
C GLY A 120 -3.31 3.43 14.88
N LYS A 121 -3.51 2.80 16.03
CA LYS A 121 -2.42 2.52 16.97
C LYS A 121 -2.37 1.03 17.24
N ASP A 122 -1.15 0.51 17.46
CA ASP A 122 -0.98 -0.89 17.88
C ASP A 122 -1.98 -1.26 18.96
N TYR A 123 -2.61 -2.42 18.80
CA TYR A 123 -3.43 -3.01 19.85
C TYR A 123 -2.81 -4.31 20.31
N ILE A 124 -2.78 -5.34 19.46
CA ILE A 124 -2.17 -6.60 19.85
C ILE A 124 -1.50 -7.22 18.63
N ALA A 125 -0.41 -7.93 18.87
CA ALA A 125 0.35 -8.50 17.77
C ALA A 125 0.97 -9.82 18.19
N LEU A 126 1.08 -10.73 17.24
CA LEU A 126 1.75 -11.98 17.51
C LEU A 126 3.26 -11.76 17.51
N LYS A 127 3.94 -12.35 18.50
CA LYS A 127 5.39 -12.23 18.54
C LYS A 127 6.02 -13.10 17.44
N GLU A 128 7.31 -12.84 17.17
CA GLU A 128 8.00 -13.53 16.08
C GLU A 128 8.08 -15.03 16.33
N ASP A 129 8.02 -15.46 17.59
CA ASP A 129 8.06 -16.89 17.92
C ASP A 129 6.75 -17.59 17.59
N LEU A 130 5.70 -16.83 17.25
CA LEU A 130 4.37 -17.36 16.94
C LEU A 130 3.75 -18.10 18.12
N ARG A 131 4.16 -17.77 19.35
CA ARG A 131 3.61 -18.42 20.52
C ARG A 131 2.90 -17.49 21.48
N SER A 132 3.31 -16.22 21.55
CA SER A 132 2.78 -15.31 22.54
C SER A 132 2.41 -14.00 21.85
N TRP A 133 1.79 -13.12 22.63
CA TRP A 133 1.19 -11.89 22.14
C TRP A 133 1.88 -10.68 22.75
N THR A 134 1.99 -9.62 21.96
CA THR A 134 2.43 -8.30 22.43
C THR A 134 1.19 -7.42 22.57
N ALA A 135 0.83 -7.07 23.81
CA ALA A 135 -0.31 -6.21 24.11
C ALA A 135 0.17 -4.80 24.38
N ALA A 136 -0.41 -3.80 23.69
CA ALA A 136 0.11 -2.44 23.82
C ALA A 136 -0.38 -1.74 25.09
N ASP A 137 -1.55 -2.12 25.61
CA ASP A 137 -2.14 -1.45 26.77
C ASP A 137 -2.96 -2.47 27.55
N MET A 138 -3.68 -1.99 28.56
CA MET A 138 -4.37 -2.92 29.45
C MET A 138 -5.63 -3.51 28.82
N ALA A 139 -6.25 -2.81 27.86
CA ALA A 139 -7.35 -3.43 27.14
C ALA A 139 -6.84 -4.62 26.32
N ALA A 140 -5.74 -4.41 25.61
CA ALA A 140 -5.15 -5.51 24.85
C ALA A 140 -4.65 -6.62 25.76
N GLN A 141 -4.21 -6.27 26.99
CA GLN A 141 -3.84 -7.31 27.93
C GLN A 141 -5.04 -8.21 28.25
N THR A 142 -6.24 -7.63 28.33
CA THR A 142 -7.44 -8.44 28.52
C THR A 142 -7.61 -9.41 27.36
N THR A 143 -7.44 -8.91 26.14
CA THR A 143 -7.51 -9.77 24.96
C THR A 143 -6.44 -10.84 24.99
N LYS A 144 -5.22 -10.48 25.38
CA LYS A 144 -4.13 -11.46 25.44
C LYS A 144 -4.51 -12.61 26.36
N HIS A 145 -5.04 -12.29 27.54
CA HIS A 145 -5.44 -13.33 28.49
C HIS A 145 -6.49 -14.27 27.89
N LYS A 146 -7.47 -13.69 27.18
CA LYS A 146 -8.51 -14.49 26.56
C LYS A 146 -7.94 -15.41 25.49
N TRP A 147 -7.07 -14.85 24.63
CA TRP A 147 -6.50 -15.64 23.53
C TRP A 147 -5.52 -16.68 24.02
N GLU A 148 -4.85 -16.45 25.15
CA GLU A 148 -3.99 -17.49 25.69
C GLU A 148 -4.81 -18.68 26.13
N ALA A 149 -5.91 -18.42 26.85
CA ALA A 149 -6.76 -19.51 27.34
C ALA A 149 -7.43 -20.28 26.19
N ALA A 150 -7.58 -19.66 25.02
CA ALA A 150 -8.30 -20.28 23.90
C ALA A 150 -7.40 -20.82 22.80
N HIS A 151 -6.09 -20.97 23.05
CA HIS A 151 -5.16 -21.63 22.12
C HIS A 151 -5.06 -20.90 20.78
N VAL A 152 -5.27 -19.58 20.77
CA VAL A 152 -5.36 -18.86 19.51
C VAL A 152 -4.03 -18.85 18.76
N ALA A 153 -2.93 -18.59 19.45
CA ALA A 153 -1.65 -18.55 18.77
C ALA A 153 -1.30 -19.89 18.14
N GLU A 154 -1.71 -21.01 18.76
CA GLU A 154 -1.39 -22.32 18.20
C GLU A 154 -2.03 -22.49 16.83
N GLN A 155 -3.32 -22.16 16.74
CA GLN A 155 -4.03 -22.26 15.47
CA GLN A 155 -4.04 -22.24 15.47
C GLN A 155 -3.40 -21.34 14.43
N LEU A 156 -3.06 -20.13 14.83
CA LEU A 156 -2.49 -19.17 13.90
C LEU A 156 -1.09 -19.60 13.46
N ARG A 157 -0.28 -20.09 14.40
CA ARG A 157 1.04 -20.61 14.03
C ARG A 157 0.91 -21.74 13.02
N ALA A 158 -0.04 -22.65 13.22
CA ALA A 158 -0.17 -23.77 12.29
C ALA A 158 -0.51 -23.27 10.88
N TYR A 159 -1.37 -22.24 10.79
CA TYR A 159 -1.66 -21.65 9.49
C TYR A 159 -0.44 -20.97 8.89
N LEU A 160 0.28 -20.17 9.70
CA LEU A 160 1.36 -19.36 9.14
C LEU A 160 2.51 -20.24 8.65
N GLU A 161 2.78 -21.34 9.34
CA GLU A 161 3.86 -22.23 8.93
C GLU A 161 3.43 -23.30 7.95
N GLY A 162 2.13 -23.57 7.86
CA GLY A 162 1.67 -24.63 6.99
C GLY A 162 0.90 -24.09 5.81
N THR A 163 -0.42 -23.96 6.01
CA THR A 163 -1.34 -23.54 4.95
C THR A 163 -0.86 -22.30 4.21
N CYS A 164 -0.44 -21.27 4.96
CA CYS A 164 -0.04 -20.02 4.34
C CYS A 164 1.11 -20.23 3.35
N VAL A 165 2.15 -20.92 3.79
CA VAL A 165 3.31 -21.17 2.94
C VAL A 165 2.95 -22.09 1.77
N GLU A 166 2.13 -23.11 2.05
CA GLU A 166 1.77 -24.07 0.99
C GLU A 166 1.00 -23.38 -0.12
N TRP A 167 0.07 -22.49 0.24
CA TRP A 167 -0.69 -21.80 -0.80
C TRP A 167 0.12 -20.70 -1.47
N LEU A 168 1.04 -20.06 -0.73
CA LEU A 168 1.95 -19.10 -1.36
C LEU A 168 2.72 -19.78 -2.49
N ARG A 169 3.27 -20.96 -2.20
CA ARG A 169 4.02 -21.70 -3.21
C ARG A 169 3.14 -22.05 -4.41
N ARG A 170 1.88 -22.44 -4.13
CA ARG A 170 0.93 -22.72 -5.21
C ARG A 170 0.74 -21.50 -6.10
N TYR A 171 0.52 -20.34 -5.49
CA TYR A 171 0.32 -19.12 -6.26
C TYR A 171 1.57 -18.76 -7.04
N LEU A 172 2.74 -18.91 -6.43
CA LEU A 172 3.99 -18.57 -7.09
C LEU A 172 4.19 -19.40 -8.35
N GLU A 173 3.84 -20.69 -8.30
CA GLU A 173 3.91 -21.53 -9.49
C GLU A 173 2.84 -21.16 -10.53
N ASN A 174 1.58 -21.04 -10.09
CA ASN A 174 0.51 -20.74 -11.04
C ASN A 174 0.70 -19.38 -11.70
N GLY A 175 1.26 -18.41 -10.99
CA GLY A 175 1.47 -17.10 -11.59
C GLY A 175 2.92 -16.81 -11.93
N LYS A 176 3.71 -17.86 -12.19
CA LYS A 176 5.16 -17.70 -12.28
C LYS A 176 5.55 -16.67 -13.35
N GLU A 177 4.76 -16.55 -14.40
CA GLU A 177 5.11 -15.67 -15.52
C GLU A 177 5.26 -14.22 -15.08
N THR A 178 4.51 -13.80 -14.05
CA THR A 178 4.68 -12.47 -13.48
C THR A 178 5.26 -12.50 -12.08
N LEU A 179 4.79 -13.41 -11.22
CA LEU A 179 5.19 -13.36 -9.81
C LEU A 179 6.67 -13.67 -9.61
N GLN A 180 7.25 -14.51 -10.48
CA GLN A 180 8.66 -14.86 -10.40
C GLN A 180 9.51 -14.09 -11.40
N ARG A 181 8.96 -13.02 -11.97
CA ARG A 181 9.67 -12.14 -12.88
C ARG A 181 9.99 -10.85 -12.15
N THR A 182 11.22 -10.38 -12.26
CA THR A 182 11.57 -9.05 -11.77
C THR A 182 11.60 -8.11 -12.97
N ASP A 183 11.09 -6.90 -12.77
CA ASP A 183 11.12 -5.85 -13.79
C ASP A 183 12.12 -4.80 -13.33
N ALA A 184 13.29 -4.79 -13.96
CA ALA A 184 14.31 -3.83 -13.55
C ALA A 184 13.82 -2.40 -13.85
N PRO A 185 14.19 -1.42 -13.03
CA PRO A 185 13.75 -0.06 -13.31
C PRO A 185 14.31 0.47 -14.61
N LYS A 186 13.45 1.15 -15.37
CA LYS A 186 13.86 1.92 -16.53
C LYS A 186 14.27 3.30 -16.03
N THR A 187 15.54 3.67 -16.24
CA THR A 187 16.09 4.84 -15.57
C THR A 187 16.52 5.90 -16.58
N HIS A 188 16.34 7.16 -16.21
CA HIS A 188 16.82 8.29 -16.99
C HIS A 188 16.93 9.49 -16.07
N MET A 189 17.61 10.52 -16.56
CA MET A 189 17.85 11.73 -15.81
C MET A 189 17.22 12.91 -16.54
N THR A 190 16.60 13.80 -15.80
CA THR A 190 16.15 15.07 -16.35
C THR A 190 16.87 16.22 -15.64
N HIS A 191 16.85 17.38 -16.30
CA HIS A 191 17.57 18.56 -15.85
C HIS A 191 16.60 19.74 -15.89
N HIS A 192 16.55 20.50 -14.80
CA HIS A 192 15.59 21.61 -14.68
C HIS A 192 16.34 22.80 -14.13
N ALA A 193 16.63 23.78 -14.98
CA ALA A 193 17.33 24.97 -14.51
C ALA A 193 16.47 25.71 -13.48
N VAL A 194 17.12 26.16 -12.41
CA VAL A 194 16.46 26.91 -11.36
C VAL A 194 16.80 28.40 -11.41
N SER A 195 17.96 28.73 -11.95
CA SER A 195 18.42 30.10 -12.07
C SER A 195 19.57 30.10 -13.07
N ASP A 196 20.27 31.23 -13.14
CA ASP A 196 21.49 31.28 -13.94
C ASP A 196 22.61 30.42 -13.36
N HIS A 197 22.58 30.11 -12.06
CA HIS A 197 23.70 29.43 -11.45
C HIS A 197 23.37 28.07 -10.83
N GLU A 198 22.12 27.59 -10.92
CA GLU A 198 21.72 26.36 -10.25
C GLU A 198 20.75 25.58 -11.14
N ALA A 199 20.78 24.26 -11.00
CA ALA A 199 19.85 23.39 -11.72
C ALA A 199 19.50 22.20 -10.84
N THR A 200 18.28 21.67 -11.04
CA THR A 200 17.86 20.42 -10.41
C THR A 200 18.12 19.28 -11.37
N LEU A 201 18.82 18.25 -10.89
CA LEU A 201 18.91 16.98 -11.61
C LEU A 201 17.94 16.00 -10.95
N ARG A 202 17.11 15.34 -11.76
CA ARG A 202 16.13 14.41 -11.23
C ARG A 202 16.40 13.05 -11.85
N CYS A 203 16.67 12.06 -11.01
CA CYS A 203 16.94 10.68 -11.41
C CYS A 203 15.65 9.86 -11.29
N TRP A 204 15.21 9.28 -12.41
CA TRP A 204 13.93 8.60 -12.49
C TRP A 204 14.13 7.09 -12.53
N ALA A 205 13.30 6.36 -11.78
CA ALA A 205 13.21 4.91 -11.89
C ALA A 205 11.76 4.57 -12.18
N LEU A 206 11.50 3.94 -13.32
CA LEU A 206 10.13 3.72 -13.75
C LEU A 206 9.86 2.26 -14.08
N SER A 207 8.59 1.88 -13.92
CA SER A 207 8.09 0.60 -14.40
C SER A 207 8.79 -0.60 -13.75
N PHE A 208 9.13 -0.50 -12.47
CA PHE A 208 9.85 -1.57 -11.83
C PHE A 208 8.95 -2.41 -10.92
N TYR A 209 9.41 -3.64 -10.67
CA TYR A 209 8.72 -4.59 -9.80
C TYR A 209 9.75 -5.59 -9.29
N PRO A 210 9.80 -5.88 -7.98
CA PRO A 210 8.91 -5.39 -6.91
C PRO A 210 9.20 -3.96 -6.54
N ALA A 211 8.48 -3.45 -5.55
CA ALA A 211 8.53 -2.04 -5.25
C ALA A 211 9.80 -1.63 -4.53
N GLU A 212 10.47 -2.55 -3.83
CA GLU A 212 11.68 -2.20 -3.10
C GLU A 212 12.76 -1.68 -4.03
N ILE A 213 13.33 -0.51 -3.70
CA ILE A 213 14.35 0.12 -4.55
C ILE A 213 15.13 1.11 -3.70
N THR A 214 16.39 1.37 -4.09
CA THR A 214 17.20 2.39 -3.46
C THR A 214 17.76 3.31 -4.53
N LEU A 215 17.51 4.61 -4.37
CA LEU A 215 18.07 5.66 -5.21
C LEU A 215 18.95 6.53 -4.34
N THR A 216 20.22 6.70 -4.74
CA THR A 216 21.16 7.49 -3.94
C THR A 216 21.93 8.42 -4.87
N TRP A 217 22.13 9.66 -4.42
CA TRP A 217 22.97 10.60 -5.14
C TRP A 217 24.37 10.59 -4.53
N GLN A 218 25.37 10.67 -5.39
CA GLN A 218 26.75 10.86 -4.95
C GLN A 218 27.32 12.08 -5.64
N ARG A 219 28.18 12.81 -4.92
CA ARG A 219 28.97 13.89 -5.48
CA ARG A 219 28.98 13.87 -5.50
C ARG A 219 30.43 13.50 -5.31
N ASP A 220 31.18 13.48 -6.41
CA ASP A 220 32.58 13.07 -6.43
C ASP A 220 32.78 11.79 -5.63
N GLY A 221 31.85 10.83 -5.81
CA GLY A 221 32.00 9.49 -5.28
C GLY A 221 31.59 9.28 -3.84
N GLU A 222 31.04 10.29 -3.16
CA GLU A 222 30.55 10.15 -1.80
C GLU A 222 29.07 10.51 -1.75
N ASP A 223 28.31 9.77 -0.95
CA ASP A 223 26.87 10.01 -0.82
C ASP A 223 26.58 11.45 -0.45
N GLN A 224 25.52 12.00 -1.04
CA GLN A 224 25.03 13.32 -0.71
C GLN A 224 23.54 13.24 -0.42
N THR A 225 23.13 13.74 0.75
CA THR A 225 21.72 13.92 1.06
C THR A 225 21.32 15.38 1.22
N GLN A 226 22.29 16.26 1.51
CA GLN A 226 22.03 17.69 1.47
C GLN A 226 21.52 18.11 0.10
N ASP A 227 20.50 18.98 0.11
CA ASP A 227 19.92 19.55 -1.10
C ASP A 227 19.35 18.48 -2.02
N THR A 228 18.89 17.37 -1.46
CA THR A 228 18.23 16.34 -2.23
C THR A 228 16.77 16.21 -1.80
N GLU A 229 15.99 15.57 -2.67
CA GLU A 229 14.59 15.26 -2.40
C GLU A 229 14.32 13.87 -2.95
N LEU A 230 13.70 13.03 -2.12
CA LEU A 230 13.40 11.65 -2.50
C LEU A 230 11.92 11.43 -2.27
N VAL A 231 11.15 11.14 -3.33
CA VAL A 231 9.72 10.97 -3.14
C VAL A 231 9.43 9.52 -2.76
N GLU A 232 8.28 9.34 -2.09
CA GLU A 232 7.80 8.01 -1.76
C GLU A 232 7.60 7.20 -3.03
N THR A 233 8.00 5.93 -2.99
CA THR A 233 7.71 5.02 -4.09
C THR A 233 6.20 4.96 -4.32
N ARG A 234 5.80 5.04 -5.58
CA ARG A 234 4.39 5.21 -5.91
C ARG A 234 3.96 4.23 -6.98
N PRO A 235 2.70 3.80 -6.95
CA PRO A 235 2.24 2.85 -7.97
C PRO A 235 1.99 3.53 -9.31
N ALA A 236 2.39 2.85 -10.39
CA ALA A 236 2.07 3.35 -11.71
C ALA A 236 0.61 3.13 -12.07
N GLY A 237 -0.01 2.10 -11.51
CA GLY A 237 -1.37 1.73 -11.84
C GLY A 237 -1.46 0.53 -12.76
N ASP A 238 -0.34 0.06 -13.31
CA ASP A 238 -0.29 -1.14 -14.13
C ASP A 238 0.44 -2.29 -13.44
N GLY A 239 0.59 -2.22 -12.12
CA GLY A 239 1.26 -3.25 -11.37
C GLY A 239 2.72 -2.95 -11.08
N THR A 240 3.29 -1.94 -11.74
CA THR A 240 4.68 -1.54 -11.49
C THR A 240 4.72 -0.28 -10.64
N PHE A 241 5.94 0.13 -10.31
CA PHE A 241 6.16 1.23 -9.38
C PHE A 241 7.09 2.26 -10.00
N GLN A 242 7.09 3.45 -9.38
CA GLN A 242 7.89 4.60 -9.82
C GLN A 242 8.53 5.26 -8.60
N LYS A 243 9.69 5.88 -8.84
CA LYS A 243 10.32 6.70 -7.82
C LYS A 243 11.27 7.68 -8.51
N TRP A 244 11.49 8.83 -7.88
CA TRP A 244 12.58 9.68 -8.34
C TRP A 244 13.30 10.29 -7.16
N ALA A 245 14.53 10.73 -7.44
CA ALA A 245 15.38 11.42 -6.48
C ALA A 245 16.00 12.62 -7.18
N ALA A 246 16.04 13.76 -6.51
CA ALA A 246 16.52 14.97 -7.16
C ALA A 246 17.59 15.63 -6.29
N VAL A 247 18.46 16.38 -6.93
CA VAL A 247 19.48 17.15 -6.22
C VAL A 247 19.62 18.49 -6.92
N VAL A 248 19.84 19.54 -6.13
CA VAL A 248 20.14 20.86 -6.69
C VAL A 248 21.66 21.02 -6.76
N VAL A 249 22.16 21.44 -7.92
CA VAL A 249 23.60 21.52 -8.16
C VAL A 249 23.96 22.87 -8.78
N PRO A 250 25.19 23.34 -8.59
CA PRO A 250 25.65 24.51 -9.36
C PRO A 250 25.71 24.19 -10.84
N SER A 251 25.11 25.06 -11.65
CA SER A 251 25.14 24.86 -13.09
C SER A 251 26.57 24.78 -13.59
N GLY A 252 26.82 23.83 -14.49
CA GLY A 252 28.14 23.55 -14.98
C GLY A 252 28.89 22.49 -14.22
N GLN A 253 28.42 22.11 -13.03
CA GLN A 253 29.08 21.10 -12.21
C GLN A 253 28.33 19.76 -12.22
N GLU A 254 27.45 19.56 -13.20
CA GLU A 254 26.60 18.38 -13.21
C GLU A 254 27.39 17.08 -13.27
N GLN A 255 28.57 17.09 -13.91
CA GLN A 255 29.34 15.87 -14.08
C GLN A 255 29.87 15.29 -12.76
N ARG A 256 29.88 16.09 -11.68
CA ARG A 256 30.31 15.57 -10.40
C ARG A 256 29.29 14.63 -9.79
N TYR A 257 28.05 14.65 -10.27
CA TYR A 257 26.93 14.05 -9.56
C TYR A 257 26.51 12.77 -10.28
N THR A 258 26.36 11.69 -9.51
CA THR A 258 25.91 10.43 -10.07
C THR A 258 24.74 9.91 -9.24
N CYS A 259 23.77 9.34 -9.93
CA CYS A 259 22.64 8.70 -9.28
C CYS A 259 22.85 7.20 -9.35
N HIS A 260 22.62 6.52 -8.22
CA HIS A 260 22.89 5.10 -8.09
C HIS A 260 21.60 4.37 -7.78
N VAL A 261 21.31 3.34 -8.56
CA VAL A 261 20.02 2.66 -8.51
C VAL A 261 20.26 1.21 -8.14
N GLN A 262 19.67 0.76 -7.04
CA GLN A 262 19.74 -0.61 -6.58
C GLN A 262 18.34 -1.22 -6.61
N HIS A 263 18.25 -2.42 -7.19
CA HIS A 263 16.97 -3.10 -7.34
C HIS A 263 17.23 -4.58 -7.58
N GLU A 264 16.32 -5.43 -7.09
CA GLU A 264 16.46 -6.87 -7.22
C GLU A 264 16.59 -7.31 -8.67
N GLY A 265 16.00 -6.57 -9.61
CA GLY A 265 16.08 -6.88 -11.02
C GLY A 265 17.37 -6.48 -11.71
N LEU A 266 18.30 -5.89 -10.98
CA LEU A 266 19.57 -5.40 -11.51
C LEU A 266 20.69 -6.28 -10.99
N PRO A 267 21.40 -7.01 -11.85
CA PRO A 267 22.55 -7.80 -11.38
C PRO A 267 23.59 -6.94 -10.68
N LYS A 268 23.89 -5.79 -11.24
CA LYS A 268 24.76 -4.78 -10.68
C LYS A 268 23.99 -3.46 -10.59
N PRO A 269 24.24 -2.66 -9.55
CA PRO A 269 23.58 -1.35 -9.48
C PRO A 269 23.92 -0.50 -10.70
N LEU A 270 22.97 0.36 -11.07
CA LEU A 270 23.15 1.27 -12.18
C LEU A 270 23.67 2.61 -11.69
N THR A 271 24.47 3.26 -12.53
CA THR A 271 24.99 4.60 -12.29
C THR A 271 24.54 5.47 -13.44
N LEU A 272 23.92 6.61 -13.13
CA LEU A 272 23.50 7.56 -14.15
C LEU A 272 24.19 8.90 -13.91
N ARG A 273 24.54 9.58 -15.00
CA ARG A 273 25.16 10.90 -14.95
C ARG A 273 24.53 11.77 -16.03
N TRP A 274 24.44 13.07 -15.76
CA TRP A 274 23.93 14.01 -16.75
C TRP A 274 25.05 14.35 -17.73
N GLU A 275 24.82 14.11 -19.02
CA GLU A 275 25.78 14.45 -20.05
C GLU A 275 25.46 15.76 -20.73
N MET B 1 -8.35 11.49 18.89
CA MET B 1 -7.80 10.29 18.29
C MET B 1 -6.64 10.63 17.35
N ILE B 2 -6.00 9.58 16.81
CA ILE B 2 -4.87 9.75 15.91
C ILE B 2 -5.38 10.35 14.59
N GLN B 3 -4.80 11.48 14.19
CA GLN B 3 -5.13 12.12 12.92
C GLN B 3 -3.85 12.40 12.16
N ARG B 4 -3.72 11.81 10.97
N ARG B 4 -3.72 11.84 10.96
CA ARG B 4 -2.56 12.00 10.11
CA ARG B 4 -2.56 12.03 10.12
C ARG B 4 -3.04 12.58 8.78
C ARG B 4 -3.03 12.58 8.77
N THR B 5 -2.41 13.67 8.35
CA THR B 5 -2.86 14.33 7.15
C THR B 5 -2.24 13.65 5.91
N PRO B 6 -2.96 13.63 4.79
CA PRO B 6 -2.47 12.90 3.63
C PRO B 6 -1.29 13.59 2.95
N LYS B 7 -0.31 12.79 2.54
CA LYS B 7 0.62 13.14 1.49
C LYS B 7 -0.06 12.94 0.15
N ILE B 8 0.32 13.76 -0.83
CA ILE B 8 -0.30 13.72 -2.14
C ILE B 8 0.79 13.77 -3.21
N GLN B 9 0.72 12.83 -4.16
CA GLN B 9 1.49 12.95 -5.42
C GLN B 9 0.51 12.86 -6.58
N VAL B 10 0.67 13.76 -7.56
CA VAL B 10 -0.13 13.79 -8.78
C VAL B 10 0.82 13.61 -9.94
N TYR B 11 0.54 12.62 -10.79
CA TYR B 11 1.52 12.21 -11.78
C TYR B 11 0.82 11.36 -12.84
N SER B 12 1.52 11.15 -13.95
CA SER B 12 0.99 10.31 -15.00
C SER B 12 1.61 8.92 -14.93
N ARG B 13 0.83 7.93 -15.38
CA ARG B 13 1.36 6.56 -15.41
C ARG B 13 2.58 6.47 -16.32
N HIS B 14 2.52 7.13 -17.48
CA HIS B 14 3.58 7.10 -18.48
C HIS B 14 4.13 8.50 -18.68
N PRO B 15 5.39 8.64 -19.12
CA PRO B 15 5.89 9.98 -19.46
C PRO B 15 4.91 10.68 -20.37
N ALA B 16 4.63 11.93 -20.04
CA ALA B 16 3.57 12.66 -20.70
C ALA B 16 4.05 13.20 -22.04
N GLU B 17 3.24 12.96 -23.07
CA GLU B 17 3.41 13.56 -24.39
C GLU B 17 2.05 14.08 -24.81
N ASN B 18 2.00 15.33 -25.27
CA ASN B 18 0.73 15.90 -25.69
C ASN B 18 0.13 15.10 -26.84
N GLY B 19 -1.15 14.80 -26.73
CA GLY B 19 -1.89 14.08 -27.74
C GLY B 19 -1.88 12.57 -27.61
N LYS B 20 -1.19 12.02 -26.61
CA LYS B 20 -1.12 10.57 -26.43
C LYS B 20 -1.85 10.18 -25.16
N SER B 21 -2.82 9.27 -25.31
CA SER B 21 -3.62 8.80 -24.19
C SER B 21 -2.72 8.31 -23.06
N ASN B 22 -3.13 8.61 -21.83
CA ASN B 22 -2.31 8.32 -20.65
C ASN B 22 -3.26 8.07 -19.49
N PHE B 23 -2.71 8.03 -18.28
CA PHE B 23 -3.51 7.88 -17.08
C PHE B 23 -3.03 8.91 -16.07
N LEU B 24 -3.97 9.66 -15.50
CA LEU B 24 -3.67 10.66 -14.49
C LEU B 24 -3.91 10.02 -13.12
N ASN B 25 -2.88 10.03 -12.29
CA ASN B 25 -2.89 9.41 -10.97
C ASN B 25 -2.84 10.46 -9.87
N CYS B 26 -3.58 10.20 -8.80
CA CYS B 26 -3.41 10.95 -7.56
C CYS B 26 -3.24 9.91 -6.48
N TYR B 27 -2.04 9.85 -5.91
CA TYR B 27 -1.71 8.89 -4.88
C TYR B 27 -1.74 9.62 -3.56
N VAL B 28 -2.66 9.23 -2.67
CA VAL B 28 -2.76 9.82 -1.34
C VAL B 28 -2.32 8.78 -0.33
N SER B 29 -1.48 9.19 0.62
CA SER B 29 -0.88 8.20 1.50
C SER B 29 -0.61 8.87 2.84
N GLY B 30 -0.29 8.04 3.82
CA GLY B 30 0.07 8.50 5.15
C GLY B 30 -1.05 9.09 5.97
N PHE B 31 -2.31 8.82 5.65
CA PHE B 31 -3.42 9.48 6.33
C PHE B 31 -4.18 8.54 7.25
N HIS B 32 -4.84 9.15 8.25
CA HIS B 32 -5.70 8.41 9.18
C HIS B 32 -6.66 9.42 9.77
N PRO B 33 -7.96 9.13 9.88
CA PRO B 33 -8.68 7.92 9.47
C PRO B 33 -8.82 7.78 7.96
N SER B 34 -9.47 6.71 7.49
CA SER B 34 -9.45 6.37 6.08
C SER B 34 -10.44 7.15 5.24
N ASP B 35 -11.46 7.76 5.86
CA ASP B 35 -12.42 8.54 5.08
C ASP B 35 -11.71 9.74 4.46
N ILE B 36 -11.87 9.88 3.14
CA ILE B 36 -11.14 10.89 2.39
C ILE B 36 -11.93 11.16 1.12
N GLU B 37 -11.90 12.41 0.67
CA GLU B 37 -12.52 12.81 -0.58
C GLU B 37 -11.41 13.19 -1.55
N VAL B 38 -11.38 12.55 -2.71
CA VAL B 38 -10.37 12.85 -3.71
C VAL B 38 -11.06 13.02 -5.04
N ASP B 39 -10.80 14.14 -5.70
CA ASP B 39 -11.29 14.39 -7.05
C ASP B 39 -10.12 14.71 -7.95
N LEU B 40 -10.23 14.28 -9.21
CA LEU B 40 -9.32 14.74 -10.25
C LEU B 40 -10.02 15.86 -11.01
N LEU B 41 -9.29 16.94 -11.27
CA LEU B 41 -9.84 18.13 -11.91
C LEU B 41 -9.20 18.36 -13.26
N LYS B 42 -10.00 18.79 -14.22
CA LYS B 42 -9.55 19.22 -15.54
C LYS B 42 -10.01 20.67 -15.69
N ASN B 43 -9.05 21.59 -15.69
CA ASN B 43 -9.34 23.03 -15.78
C ASN B 43 -10.29 23.46 -14.67
N GLY B 44 -10.07 22.93 -13.47
CA GLY B 44 -10.86 23.28 -12.31
C GLY B 44 -12.14 22.50 -12.11
N GLU B 45 -12.58 21.74 -13.10
CA GLU B 45 -13.85 21.02 -13.02
C GLU B 45 -13.61 19.54 -12.71
N ARG B 46 -14.52 18.97 -11.91
CA ARG B 46 -14.38 17.58 -11.47
C ARG B 46 -14.52 16.62 -12.64
N ILE B 47 -13.57 15.69 -12.76
CA ILE B 47 -13.65 14.64 -13.76
C ILE B 47 -14.58 13.54 -13.24
N GLU B 48 -15.52 13.11 -14.08
CA GLU B 48 -16.63 12.28 -13.60
C GLU B 48 -16.27 10.80 -13.54
N LYS B 49 -15.39 10.32 -14.41
CA LYS B 49 -15.10 8.89 -14.49
C LYS B 49 -13.74 8.63 -13.84
N VAL B 50 -13.76 8.48 -12.51
CA VAL B 50 -12.54 8.31 -11.73
C VAL B 50 -12.66 7.06 -10.88
N GLU B 51 -11.65 6.20 -10.93
CA GLU B 51 -11.61 4.95 -10.17
C GLU B 51 -10.55 5.06 -9.08
N HIS B 52 -10.61 4.13 -8.13
CA HIS B 52 -9.58 4.11 -7.09
C HIS B 52 -9.29 2.68 -6.67
N SER B 53 -8.08 2.49 -6.14
CA SER B 53 -7.62 1.20 -5.66
C SER B 53 -8.36 0.81 -4.39
N ASP B 54 -8.19 -0.45 -3.99
CA ASP B 54 -8.75 -0.92 -2.74
C ASP B 54 -7.87 -0.45 -1.58
N LEU B 55 -8.52 0.10 -0.56
CA LEU B 55 -7.83 0.66 0.60
C LEU B 55 -6.87 -0.34 1.22
N SER B 56 -5.64 0.11 1.45
CA SER B 56 -4.63 -0.69 2.14
C SER B 56 -3.86 0.26 3.05
N PHE B 57 -2.84 -0.26 3.73
CA PHE B 57 -2.15 0.57 4.71
C PHE B 57 -0.71 0.10 4.91
N SER B 58 0.06 0.97 5.53
CA SER B 58 1.50 0.85 5.69
C SER B 58 1.83 0.36 7.09
N LYS B 59 3.14 0.27 7.36
CA LYS B 59 3.62 -0.29 8.62
C LYS B 59 3.17 0.54 9.82
N ASP B 60 3.00 1.84 9.65
CA ASP B 60 2.56 2.68 10.75
C ASP B 60 1.04 2.79 10.83
N TRP B 61 0.33 1.95 10.08
CA TRP B 61 -1.13 1.82 10.02
C TRP B 61 -1.76 2.95 9.20
N SER B 62 -0.98 3.87 8.66
CA SER B 62 -1.57 4.93 7.85
C SER B 62 -2.01 4.36 6.49
N PHE B 63 -3.07 4.95 5.95
CA PHE B 63 -3.71 4.42 4.75
C PHE B 63 -3.12 4.97 3.46
N TYR B 64 -3.33 4.26 2.36
CA TYR B 64 -3.00 4.80 1.05
C TYR B 64 -4.00 4.31 0.00
N LEU B 65 -4.21 5.17 -1.00
CA LEU B 65 -5.15 4.94 -2.09
C LEU B 65 -4.58 5.56 -3.35
N LEU B 66 -4.84 4.92 -4.49
CA LEU B 66 -4.55 5.51 -5.79
C LEU B 66 -5.87 5.83 -6.48
N TYR B 67 -6.04 7.09 -6.86
CA TYR B 67 -7.15 7.51 -7.71
C TYR B 67 -6.63 7.76 -9.11
N TYR B 68 -7.39 7.35 -10.13
CA TYR B 68 -6.85 7.41 -11.48
C TYR B 68 -7.96 7.52 -12.52
N THR B 69 -7.60 8.12 -13.65
CA THR B 69 -8.54 8.26 -14.75
C THR B 69 -7.74 8.36 -16.04
N GLU B 70 -8.33 7.92 -17.15
CA GLU B 70 -7.67 8.10 -18.42
C GLU B 70 -7.69 9.57 -18.79
N PHE B 71 -6.59 10.06 -19.37
CA PHE B 71 -6.61 11.42 -19.87
C PHE B 71 -5.64 11.51 -21.04
N THR B 72 -5.85 12.54 -21.86
CA THR B 72 -4.92 12.81 -22.96
C THR B 72 -4.31 14.17 -22.68
N PRO B 73 -3.07 14.22 -22.20
CA PRO B 73 -2.45 15.51 -21.87
C PRO B 73 -2.30 16.39 -23.09
N THR B 74 -2.49 17.69 -22.90
CA THR B 74 -2.34 18.68 -23.94
C THR B 74 -1.50 19.82 -23.40
N GLU B 75 -1.26 20.81 -24.27
CA GLU B 75 -0.44 21.94 -23.87
C GLU B 75 -1.19 22.90 -22.94
N LYS B 76 -2.49 23.10 -23.17
CA LYS B 76 -3.22 24.13 -22.45
C LYS B 76 -4.10 23.61 -21.31
N ASP B 77 -4.43 22.32 -21.29
CA ASP B 77 -5.31 21.80 -20.25
C ASP B 77 -4.55 21.66 -18.93
N GLU B 78 -5.16 22.12 -17.85
CA GLU B 78 -4.58 22.00 -16.52
C GLU B 78 -5.26 20.87 -15.76
N TYR B 79 -4.47 20.05 -15.11
CA TYR B 79 -4.98 18.94 -14.32
C TYR B 79 -4.49 19.09 -12.89
N ALA B 80 -5.26 18.54 -11.95
CA ALA B 80 -4.95 18.69 -10.54
C ALA B 80 -5.71 17.62 -9.77
N CYS B 81 -5.29 17.43 -8.52
CA CYS B 81 -5.97 16.57 -7.57
C CYS B 81 -6.46 17.42 -6.41
N ARG B 82 -7.71 17.21 -6.00
CA ARG B 82 -8.32 17.96 -4.91
C ARG B 82 -8.68 16.99 -3.78
N VAL B 83 -8.07 17.21 -2.61
CA VAL B 83 -8.17 16.28 -1.49
C VAL B 83 -8.78 17.01 -0.30
N ASN B 84 -9.80 16.41 0.30
CA ASN B 84 -10.28 16.85 1.59
C ASN B 84 -10.26 15.69 2.57
N HIS B 85 -9.99 16.02 3.83
CA HIS B 85 -9.76 15.07 4.91
C HIS B 85 -10.03 15.82 6.21
N VAL B 86 -10.30 15.06 7.27
CA VAL B 86 -10.65 15.70 8.55
C VAL B 86 -9.51 16.58 9.05
N THR B 87 -8.28 16.29 8.65
CA THR B 87 -7.10 17.05 9.05
C THR B 87 -6.92 18.35 8.29
N LEU B 88 -7.72 18.59 7.25
CA LEU B 88 -7.55 19.74 6.38
C LEU B 88 -8.68 20.74 6.62
N SER B 89 -8.31 21.98 6.91
CA SER B 89 -9.32 23.02 7.13
C SER B 89 -10.11 23.28 5.85
N GLN B 90 -9.44 23.30 4.72
CA GLN B 90 -10.07 23.46 3.42
C GLN B 90 -9.45 22.46 2.46
N PRO B 91 -10.14 22.12 1.38
CA PRO B 91 -9.57 21.16 0.42
C PRO B 91 -8.21 21.64 -0.08
N LYS B 92 -7.32 20.67 -0.31
CA LYS B 92 -5.99 20.94 -0.83
C LYS B 92 -5.96 20.56 -2.30
N ILE B 93 -5.50 21.47 -3.16
CA ILE B 93 -5.39 21.22 -4.59
C ILE B 93 -3.91 21.16 -4.94
N VAL B 94 -3.51 20.06 -5.57
CA VAL B 94 -2.14 19.86 -6.03
C VAL B 94 -2.20 19.78 -7.55
N LYS B 95 -1.49 20.67 -8.24
CA LYS B 95 -1.52 20.70 -9.69
C LYS B 95 -0.61 19.61 -10.23
N TRP B 96 -1.03 19.00 -11.34
CA TRP B 96 -0.17 18.07 -12.05
C TRP B 96 0.95 18.84 -12.74
N ASP B 97 2.18 18.41 -12.49
CA ASP B 97 3.38 18.92 -13.16
C ASP B 97 4.04 17.71 -13.81
N ARG B 98 4.14 17.72 -15.14
CA ARG B 98 4.63 16.56 -15.87
C ARG B 98 6.10 16.23 -15.56
N ASP B 99 6.82 17.12 -14.88
CA ASP B 99 8.21 16.89 -14.49
C ASP B 99 8.35 16.18 -13.15
N MET B 100 7.25 15.83 -12.48
CA MET B 100 7.37 15.25 -11.14
C MET B 100 6.52 13.99 -10.94
N THR C 1 -4.66 -18.16 0.46
CA THR C 1 -5.92 -18.53 1.09
C THR C 1 -6.00 -17.94 2.51
N LEU C 2 -7.18 -17.48 2.91
CA LEU C 2 -7.36 -16.82 4.21
C LEU C 2 -7.25 -17.79 5.37
N PHE C 3 -6.87 -17.26 6.53
CA PHE C 3 -6.92 -18.02 7.78
C PHE C 3 -8.37 -18.27 8.16
N ASP C 4 -8.68 -19.46 8.65
CA ASP C 4 -10.07 -19.76 8.95
C ASP C 4 -10.40 -19.28 10.36
N GLU C 5 -11.24 -18.25 10.44
CA GLU C 5 -11.78 -17.67 11.65
CA GLU C 5 -11.78 -17.57 11.61
C GLU C 5 -10.71 -17.14 12.61
N PRO C 6 -10.14 -15.95 12.41
CA PRO C 6 -9.51 -15.26 13.53
C PRO C 6 -10.57 -14.99 14.59
N PRO C 7 -10.26 -15.18 15.86
CA PRO C 7 -11.29 -15.05 16.90
C PRO C 7 -11.53 -13.60 17.25
N PRO C 8 -12.71 -13.27 17.77
CA PRO C 8 -12.95 -11.91 18.26
C PRO C 8 -12.02 -11.59 19.42
N LEU C 9 -11.68 -10.32 19.55
CA LEU C 9 -10.76 -9.89 20.60
C LEU C 9 -11.47 -9.73 21.94
#